data_7SME
#
_entry.id   7SME
#
_cell.length_a   99.910
_cell.length_b   75.170
_cell.length_c   71.737
_cell.angle_alpha   90.00
_cell.angle_beta   109.86
_cell.angle_gamma   90.00
#
_symmetry.space_group_name_H-M   'C 1 2 1'
#
loop_
_entity.id
_entity.type
_entity.pdbx_description
1 polymer 'Retinoblastoma-like protein 1'
2 polymer 'Histone deacetylase 1'
3 non-polymer 'SULFATE ION'
4 water water
#
loop_
_entity_poly.entity_id
_entity_poly.type
_entity_poly.pdbx_seq_one_letter_code
_entity_poly.pdbx_strand_id
1 'polypeptide(L)'
;GEFTQSVSRLQSIVAGLKNAPSDQLINIFESCVRNPVENIMKILKGIGETFCQHYTQSTDEQPGSHIDFAVNRLKLAEIL
YYKILETVMVQETRRLHGMDMSVLLEQDIFHRSLMACCLEIVLFAYSSPRTFPWIIEVLNLQPFYFYKVIEVVIRSEEGL
SRDMVKHLNSIEEQILESLAWSHDSALWEALQVSANKVPTCEEVIFPNNFETGNNRPKRTGSLALFYRKVYHLASVRLRD
LCLKLDVSNELRRKIWTCFEFTLVHCPDLMKDRHLDQLLLCAFYIMAKVTKEERTFQEIMKSYRNQPQANSHVYRSVLLK
SIKEERGDLIKFYNTIYVGRVKSFALKYDLANQDHMMDAPPLSPFPHIKQQ
;
A
2 'polypeptide(L)' RIACEEEFSD B
#
# COMPACT_ATOMS: atom_id res chain seq x y z
N GLU A 2 11.17 29.70 -10.98
CA GLU A 2 10.60 30.19 -9.71
C GLU A 2 9.73 29.09 -9.08
N PHE A 3 9.28 28.13 -9.88
CA PHE A 3 8.47 26.98 -9.39
C PHE A 3 9.39 25.80 -9.11
N THR A 4 8.94 24.90 -8.24
CA THR A 4 9.74 23.74 -7.82
C THR A 4 9.73 22.74 -8.97
N GLN A 5 10.71 21.87 -9.01
CA GLN A 5 10.79 20.86 -10.06
C GLN A 5 9.47 20.10 -10.15
N SER A 6 8.86 19.81 -9.02
CA SER A 6 7.58 19.08 -8.86
C SER A 6 6.47 19.83 -9.57
N VAL A 7 6.32 21.07 -9.13
CA VAL A 7 5.17 21.87 -9.61
C VAL A 7 5.38 22.13 -11.09
N SER A 8 6.62 22.23 -11.52
CA SER A 8 6.93 22.55 -12.93
C SER A 8 6.60 21.35 -13.80
N ARG A 9 6.97 20.15 -13.36
CA ARG A 9 6.59 18.93 -14.09
C ARG A 9 5.07 18.83 -14.20
N LEU A 10 4.38 18.96 -13.09
CA LEU A 10 2.91 18.98 -13.08
C LEU A 10 2.41 20.00 -14.08
N GLN A 11 2.86 21.23 -13.94
CA GLN A 11 2.37 22.35 -14.80
C GLN A 11 2.54 21.99 -16.28
N SER A 12 3.62 21.28 -16.63
CA SER A 12 3.95 20.92 -18.03
C SER A 12 3.23 19.62 -18.45
N ILE A 13 2.89 18.73 -17.51
CA ILE A 13 2.05 17.53 -17.80
C ILE A 13 0.65 18.00 -18.22
N VAL A 14 0.10 18.98 -17.54
CA VAL A 14 -1.33 19.38 -17.73
C VAL A 14 -1.51 20.50 -18.73
N ALA A 15 -0.44 20.91 -19.38
CA ALA A 15 -0.52 22.08 -20.27
C ALA A 15 -1.33 21.76 -21.53
N GLY A 16 -2.23 22.66 -21.87
CA GLY A 16 -3.03 22.47 -23.09
C GLY A 16 -4.17 21.53 -22.84
N LEU A 17 -4.39 21.18 -21.58
CA LEU A 17 -5.42 20.19 -21.26
C LEU A 17 -6.47 20.83 -20.39
N LYS A 18 -7.63 20.21 -20.30
CA LYS A 18 -8.77 20.82 -19.58
C LYS A 18 -9.32 19.91 -18.49
N ASN A 19 -10.22 20.45 -17.68
CA ASN A 19 -10.82 19.75 -16.52
C ASN A 19 -11.99 18.96 -17.06
N ALA A 20 -11.94 18.66 -18.35
CA ALA A 20 -13.05 17.99 -19.02
C ALA A 20 -12.54 16.85 -19.87
N PRO A 21 -13.42 15.91 -20.25
CA PRO A 21 -13.05 14.87 -21.15
C PRO A 21 -12.64 15.40 -22.54
N SER A 22 -11.59 14.83 -23.11
CA SER A 22 -11.21 15.27 -24.47
C SER A 22 -12.08 14.56 -25.49
N ASP A 23 -12.07 15.08 -26.69
CA ASP A 23 -13.01 14.55 -27.70
C ASP A 23 -12.59 13.13 -28.04
N GLN A 24 -11.32 12.77 -27.87
CA GLN A 24 -10.88 11.38 -28.02
C GLN A 24 -11.52 10.47 -26.95
N LEU A 25 -11.55 10.91 -25.70
CA LEU A 25 -12.22 10.15 -24.62
C LEU A 25 -13.73 10.12 -24.83
N ILE A 26 -14.33 11.23 -25.25
CA ILE A 26 -15.80 11.30 -25.43
C ILE A 26 -16.21 10.26 -26.47
N ASN A 27 -15.41 10.12 -27.52
CA ASN A 27 -15.70 9.12 -28.57
C ASN A 27 -15.63 7.70 -28.00
N ILE A 28 -14.65 7.42 -27.14
CA ILE A 28 -14.51 6.09 -26.49
C ILE A 28 -15.70 5.85 -25.58
N PHE A 29 -16.13 6.89 -24.88
CA PHE A 29 -17.33 6.76 -24.03
C PHE A 29 -18.57 6.47 -24.87
N GLU A 30 -18.73 7.17 -25.99
CA GLU A 30 -19.93 7.01 -26.86
C GLU A 30 -19.86 5.70 -27.63
N SER A 31 -18.69 5.09 -27.75
CA SER A 31 -18.57 3.75 -28.38
C SER A 31 -19.22 2.73 -27.47
N CYS A 32 -19.19 2.98 -26.18
CA CYS A 32 -19.75 1.99 -25.23
C CYS A 32 -21.27 1.99 -25.23
N VAL A 33 -21.83 0.82 -24.97
CA VAL A 33 -23.30 0.54 -24.87
C VAL A 33 -23.86 1.50 -23.84
N ARG A 34 -23.19 1.48 -22.70
CA ARG A 34 -23.56 2.39 -21.60
C ARG A 34 -22.49 3.48 -21.52
N ASN A 35 -22.83 4.73 -21.85
CA ASN A 35 -21.85 5.84 -21.86
C ASN A 35 -21.55 6.24 -20.43
N PRO A 36 -20.27 6.22 -20.01
CA PRO A 36 -19.93 6.50 -18.63
C PRO A 36 -19.70 7.96 -18.26
N VAL A 37 -19.87 8.88 -19.19
CA VAL A 37 -19.47 10.30 -18.94
C VAL A 37 -20.23 10.92 -17.75
N GLU A 38 -21.52 10.68 -17.63
CA GLU A 38 -22.26 11.36 -16.53
C GLU A 38 -21.93 10.72 -15.19
N ASN A 39 -21.76 9.41 -15.14
CA ASN A 39 -21.30 8.78 -13.88
C ASN A 39 -19.94 9.36 -13.52
N ILE A 40 -19.01 9.46 -14.47
CA ILE A 40 -17.64 9.98 -14.22
C ILE A 40 -17.71 11.43 -13.73
N MET A 41 -18.56 12.27 -14.30
CA MET A 41 -18.65 13.66 -13.85
C MET A 41 -19.28 13.74 -12.47
N LYS A 42 -20.23 12.87 -12.17
CA LYS A 42 -20.87 12.86 -10.84
C LYS A 42 -19.86 12.48 -9.75
N ILE A 43 -19.02 11.50 -10.03
CA ILE A 43 -18.02 11.02 -9.05
C ILE A 43 -17.04 12.16 -8.78
N LEU A 44 -16.65 12.86 -9.83
CA LEU A 44 -15.69 13.98 -9.72
C LEU A 44 -16.28 15.15 -8.97
N LYS A 45 -17.56 15.42 -9.16
CA LYS A 45 -18.21 16.54 -8.46
C LYS A 45 -18.32 16.18 -6.99
N GLY A 46 -18.75 14.97 -6.68
CA GLY A 46 -18.80 14.51 -5.29
C GLY A 46 -17.44 14.45 -4.62
N ILE A 47 -16.44 13.85 -5.24
CA ILE A 47 -15.06 13.90 -4.73
C ILE A 47 -14.61 15.35 -4.64
N GLY A 48 -14.89 16.16 -5.65
CA GLY A 48 -14.59 17.61 -5.59
C GLY A 48 -15.20 18.27 -4.35
N GLU A 49 -16.48 18.12 -4.09
CA GLU A 49 -17.10 18.80 -2.94
C GLU A 49 -16.51 18.31 -1.63
N THR A 50 -16.32 17.01 -1.48
CA THR A 50 -15.76 16.42 -0.25
C THR A 50 -14.33 16.89 -0.01
N PHE A 51 -13.51 16.95 -1.05
CA PHE A 51 -12.10 17.41 -0.91
C PHE A 51 -12.09 18.86 -0.46
N CYS A 52 -12.91 19.68 -1.08
CA CYS A 52 -12.80 21.09 -0.66
C CYS A 52 -13.49 21.31 0.68
N GLN A 53 -14.53 20.56 1.04
CA GLN A 53 -15.09 20.69 2.42
C GLN A 53 -14.06 20.32 3.49
N HIS A 54 -13.26 19.28 3.29
CA HIS A 54 -12.30 18.82 4.31
C HIS A 54 -11.07 19.71 4.29
N TYR A 55 -10.66 20.17 3.12
CA TYR A 55 -9.50 21.07 2.98
C TYR A 55 -9.80 22.41 3.67
N THR A 56 -10.99 22.93 3.46
CA THR A 56 -11.43 24.20 4.04
C THR A 56 -11.65 24.13 5.55
N GLN A 57 -12.14 23.01 6.04
CA GLN A 57 -12.40 23.16 7.48
C GLN A 57 -11.29 22.56 8.32
N SER A 58 -11.10 23.28 9.42
CA SER A 58 -9.91 22.97 10.25
C SER A 58 -10.19 21.88 11.27
N THR A 59 -9.15 21.10 11.51
CA THR A 59 -9.27 20.04 12.53
C THR A 59 -8.04 20.23 13.40
N ASP A 60 -7.99 19.58 14.55
CA ASP A 60 -6.82 19.66 15.46
C ASP A 60 -5.58 19.30 14.64
N GLU A 61 -5.67 18.18 13.93
CA GLU A 61 -4.64 17.57 13.06
C GLU A 61 -4.14 18.58 12.05
N GLN A 62 -5.11 19.11 11.32
CA GLN A 62 -4.76 19.96 10.15
C GLN A 62 -5.53 21.27 10.17
N PRO A 63 -4.85 22.42 10.20
CA PRO A 63 -5.56 23.68 10.05
C PRO A 63 -6.15 23.75 8.63
N GLY A 64 -7.33 24.35 8.48
CA GLY A 64 -8.00 24.44 7.17
C GLY A 64 -7.46 25.56 6.32
N SER A 65 -7.37 25.31 5.02
CA SER A 65 -6.77 26.31 4.08
C SER A 65 -7.88 27.00 3.25
N HIS A 66 -7.49 27.94 2.39
CA HIS A 66 -8.46 28.70 1.60
C HIS A 66 -9.06 27.88 0.46
N ILE A 67 -10.30 28.17 0.11
CA ILE A 67 -11.03 27.48 -0.98
C ILE A 67 -10.32 27.73 -2.31
N ASP A 68 -9.73 28.90 -2.48
CA ASP A 68 -9.11 29.26 -3.77
C ASP A 68 -7.95 28.32 -4.09
N PHE A 69 -7.14 27.95 -3.10
CA PHE A 69 -6.06 26.96 -3.29
C PHE A 69 -6.65 25.57 -3.53
N ALA A 70 -7.73 25.25 -2.84
CA ALA A 70 -8.42 23.94 -3.01
C ALA A 70 -8.98 23.77 -4.40
N VAL A 71 -9.63 24.78 -4.93
CA VAL A 71 -10.20 24.76 -6.31
C VAL A 71 -9.09 24.61 -7.35
N ASN A 72 -7.97 25.28 -7.16
CA ASN A 72 -6.82 25.12 -8.09
C ASN A 72 -6.27 23.70 -8.02
N ARG A 73 -6.12 23.19 -6.82
CA ARG A 73 -5.59 21.84 -6.63
C ARG A 73 -6.55 20.82 -7.27
N LEU A 74 -7.85 21.05 -7.14
CA LEU A 74 -8.87 20.17 -7.74
C LEU A 74 -8.83 20.23 -9.25
N LYS A 75 -8.69 21.42 -9.83
CA LYS A 75 -8.68 21.58 -11.29
C LYS A 75 -7.50 20.84 -11.87
N LEU A 76 -6.35 20.94 -11.23
CA LEU A 76 -5.14 20.27 -11.72
C LEU A 76 -5.29 18.76 -11.57
N ALA A 77 -5.97 18.33 -10.50
CA ALA A 77 -6.16 16.88 -10.32
C ALA A 77 -7.19 16.37 -11.35
N GLU A 78 -8.23 17.15 -11.65
CA GLU A 78 -9.26 16.79 -12.67
C GLU A 78 -8.61 16.72 -14.06
N ILE A 79 -7.73 17.66 -14.39
CA ILE A 79 -6.97 17.63 -15.65
C ILE A 79 -6.13 16.36 -15.66
N LEU A 80 -5.44 16.03 -14.58
CA LEU A 80 -4.65 14.75 -14.53
C LEU A 80 -5.60 13.56 -14.72
N TYR A 81 -6.77 13.62 -14.10
CA TYR A 81 -7.73 12.49 -14.10
C TYR A 81 -8.03 12.22 -15.57
N TYR A 82 -8.47 13.22 -16.32
CA TYR A 82 -9.04 12.97 -17.67
C TYR A 82 -7.94 12.56 -18.65
N LYS A 83 -6.78 13.15 -18.53
CA LYS A 83 -5.58 12.78 -19.32
C LYS A 83 -5.17 11.33 -19.04
N ILE A 84 -5.15 10.92 -17.77
CA ILE A 84 -4.71 9.54 -17.38
C ILE A 84 -5.82 8.58 -17.76
N LEU A 85 -7.08 8.96 -17.59
CA LEU A 85 -8.19 8.05 -17.99
C LEU A 85 -8.03 7.74 -19.51
N GLU A 86 -7.86 8.78 -20.31
CA GLU A 86 -7.64 8.63 -21.78
C GLU A 86 -6.52 7.59 -22.04
N THR A 87 -5.27 7.82 -21.57
CA THR A 87 -4.13 6.89 -21.81
C THR A 87 -4.47 5.47 -21.36
N VAL A 88 -5.14 5.31 -20.24
CA VAL A 88 -5.55 3.97 -19.75
C VAL A 88 -6.51 3.36 -20.77
N MET A 89 -7.58 4.06 -21.14
CA MET A 89 -8.66 3.53 -22.02
C MET A 89 -8.14 3.31 -23.44
N VAL A 90 -7.36 4.22 -23.99
CA VAL A 90 -6.75 4.05 -25.34
C VAL A 90 -6.01 2.71 -25.37
N GLN A 91 -5.30 2.37 -24.28
CA GLN A 91 -4.28 1.29 -24.25
C GLN A 91 -4.86 0.00 -23.67
N GLU A 92 -6.15 -0.02 -23.31
CA GLU A 92 -6.71 -1.32 -22.86
C GLU A 92 -7.01 -2.20 -24.07
N THR A 93 -6.65 -3.47 -23.85
CA THR A 93 -6.65 -4.48 -24.94
C THR A 93 -8.05 -4.48 -25.56
N ARG A 94 -9.10 -4.33 -24.77
CA ARG A 94 -10.48 -4.29 -25.33
C ARG A 94 -10.59 -3.16 -26.34
N ARG A 95 -10.13 -1.96 -26.03
CA ARG A 95 -10.15 -0.84 -27.01
C ARG A 95 -9.44 -1.29 -28.29
N LEU A 96 -8.31 -1.98 -28.17
CA LEU A 96 -7.38 -2.28 -29.27
C LEU A 96 -7.95 -3.37 -30.18
N HIS A 97 -8.86 -4.18 -29.64
CA HIS A 97 -9.60 -5.27 -30.32
C HIS A 97 -10.99 -4.77 -30.71
N GLY A 98 -11.37 -3.55 -30.36
CA GLY A 98 -12.62 -2.93 -30.86
C GLY A 98 -13.84 -3.37 -30.07
N MET A 99 -13.60 -3.95 -28.90
CA MET A 99 -14.71 -4.51 -28.10
C MET A 99 -15.18 -3.50 -27.06
N ASP A 100 -16.46 -3.54 -26.74
CA ASP A 100 -17.16 -2.57 -25.86
C ASP A 100 -16.54 -2.57 -24.47
N MET A 101 -16.51 -1.40 -23.84
CA MET A 101 -15.70 -1.11 -22.66
C MET A 101 -16.61 -0.49 -21.61
N SER A 102 -17.90 -0.77 -21.74
CA SER A 102 -18.95 -0.41 -20.77
C SER A 102 -18.64 -0.97 -19.38
N VAL A 103 -18.12 -2.20 -19.24
CA VAL A 103 -17.97 -2.81 -17.90
C VAL A 103 -16.80 -2.10 -17.18
N LEU A 104 -15.64 -2.02 -17.85
CA LEU A 104 -14.43 -1.35 -17.35
C LEU A 104 -14.76 0.07 -16.89
N LEU A 105 -15.52 0.82 -17.71
CA LEU A 105 -15.74 2.26 -17.48
C LEU A 105 -16.88 2.47 -16.47
N GLU A 106 -17.59 1.42 -16.06
CA GLU A 106 -18.63 1.63 -15.03
C GLU A 106 -18.15 1.19 -13.64
N GLN A 107 -16.86 0.87 -13.45
CA GLN A 107 -16.33 0.55 -12.10
C GLN A 107 -16.08 1.86 -11.33
N ASP A 108 -16.99 2.22 -10.45
CA ASP A 108 -16.90 3.45 -9.62
C ASP A 108 -15.58 3.44 -8.85
N ILE A 109 -15.22 2.31 -8.26
CA ILE A 109 -13.99 2.18 -7.43
C ILE A 109 -12.78 2.62 -8.25
N PHE A 110 -12.71 2.36 -9.55
CA PHE A 110 -11.50 2.71 -10.31
C PHE A 110 -11.40 4.22 -10.48
N HIS A 111 -12.51 4.84 -10.86
CA HIS A 111 -12.58 6.30 -11.08
C HIS A 111 -12.33 7.10 -9.79
N ARG A 112 -12.88 6.67 -8.66
CA ARG A 112 -12.65 7.32 -7.35
C ARG A 112 -11.19 7.17 -6.96
N SER A 113 -10.61 6.01 -7.19
CA SER A 113 -9.22 5.90 -6.72
C SER A 113 -8.26 6.55 -7.69
N LEU A 114 -8.53 6.69 -8.99
CA LEU A 114 -7.67 7.48 -9.90
C LEU A 114 -7.73 8.96 -9.56
N MET A 115 -8.91 9.49 -9.28
CA MET A 115 -9.08 10.90 -8.86
C MET A 115 -8.33 11.15 -7.56
N ALA A 116 -8.27 10.17 -6.67
CA ALA A 116 -7.63 10.37 -5.37
C ALA A 116 -6.11 10.33 -5.50
N CYS A 117 -5.57 9.44 -6.32
CA CYS A 117 -4.13 9.40 -6.59
C CYS A 117 -3.74 10.71 -7.29
N CYS A 118 -4.57 11.18 -8.22
CA CYS A 118 -4.35 12.43 -8.97
C CYS A 118 -4.23 13.56 -7.97
N LEU A 119 -5.10 13.57 -6.98
CA LEU A 119 -5.10 14.59 -5.90
C LEU A 119 -3.86 14.44 -5.03
N GLU A 120 -3.46 13.21 -4.74
CA GLU A 120 -2.24 12.90 -3.98
C GLU A 120 -1.02 13.40 -4.75
N ILE A 121 -1.02 13.22 -6.06
CA ILE A 121 0.07 13.73 -6.92
C ILE A 121 0.09 15.26 -6.80
N VAL A 122 -1.07 15.88 -6.95
CA VAL A 122 -1.15 17.36 -6.89
C VAL A 122 -0.68 17.78 -5.49
N LEU A 123 -1.20 17.19 -4.41
CA LEU A 123 -0.82 17.59 -3.04
C LEU A 123 0.66 17.29 -2.73
N PHE A 124 1.22 16.14 -3.10
CA PHE A 124 2.66 15.89 -2.86
C PHE A 124 3.57 16.90 -3.58
N ALA A 125 3.19 17.34 -4.77
CA ALA A 125 4.00 18.19 -5.66
C ALA A 125 4.13 19.58 -5.04
N TYR A 126 3.09 20.01 -4.33
CA TYR A 126 3.07 21.27 -3.54
C TYR A 126 3.59 21.04 -2.11
N SER A 127 4.11 19.85 -1.79
CA SER A 127 4.58 19.49 -0.41
C SER A 127 3.50 19.79 0.63
N SER A 128 2.25 19.60 0.27
CA SER A 128 1.05 19.74 1.14
C SER A 128 1.31 19.12 2.50
N PRO A 129 0.76 19.68 3.60
CA PRO A 129 0.84 19.08 4.91
C PRO A 129 -0.10 17.87 5.05
N ARG A 130 -1.01 17.69 4.10
CA ARG A 130 -2.05 16.64 4.10
C ARG A 130 -1.39 15.35 3.63
N THR A 131 -0.56 14.81 4.49
CA THR A 131 0.20 13.60 4.20
C THR A 131 -0.79 12.46 4.02
N PHE A 132 -0.56 11.71 2.95
CA PHE A 132 -1.20 10.39 2.76
C PHE A 132 -1.16 9.69 4.11
N PRO A 133 -2.23 9.01 4.57
CA PRO A 133 -3.45 8.82 3.77
C PRO A 133 -4.58 9.85 3.97
N TRP A 134 -4.24 11.09 4.21
CA TRP A 134 -5.33 12.12 4.34
C TRP A 134 -6.39 11.97 3.21
N ILE A 135 -6.00 11.95 1.93
CA ILE A 135 -6.96 12.00 0.78
C ILE A 135 -7.88 10.77 0.72
N ILE A 136 -7.38 9.57 0.98
CA ILE A 136 -8.26 8.36 0.95
C ILE A 136 -9.16 8.30 2.19
N GLU A 137 -8.71 8.75 3.35
CA GLU A 137 -9.60 8.89 4.53
C GLU A 137 -10.68 9.94 4.23
N VAL A 138 -10.32 11.09 3.71
CA VAL A 138 -11.32 12.15 3.43
C VAL A 138 -12.35 11.62 2.45
N LEU A 139 -11.96 10.79 1.49
CA LEU A 139 -12.83 10.33 0.38
C LEU A 139 -13.44 8.96 0.65
N ASN A 140 -13.21 8.40 1.83
CA ASN A 140 -13.84 7.10 2.22
C ASN A 140 -13.44 6.03 1.22
N LEU A 141 -12.14 5.93 0.96
CA LEU A 141 -11.56 4.97 0.01
C LEU A 141 -10.74 3.92 0.77
N GLN A 142 -11.13 2.66 0.66
CA GLN A 142 -10.39 1.46 1.12
C GLN A 142 -8.97 1.38 0.53
N PRO A 143 -7.91 1.48 1.34
CA PRO A 143 -6.56 1.13 0.89
C PRO A 143 -6.51 -0.14 0.03
N PHE A 144 -7.19 -1.18 0.47
CA PHE A 144 -7.17 -2.48 -0.22
C PHE A 144 -7.62 -2.35 -1.68
N TYR A 145 -8.57 -1.46 -1.97
CA TYR A 145 -9.06 -1.27 -3.36
C TYR A 145 -8.22 -0.19 -3.99
N PHE A 146 -7.95 0.87 -3.25
CA PHE A 146 -7.18 2.03 -3.77
C PHE A 146 -5.79 1.63 -4.33
N TYR A 147 -4.97 0.91 -3.56
CA TYR A 147 -3.53 0.69 -3.90
C TYR A 147 -3.33 0.17 -5.33
N LYS A 148 -4.30 -0.55 -5.91
CA LYS A 148 -4.16 -1.11 -7.28
C LYS A 148 -4.08 -0.03 -8.35
N VAL A 149 -4.68 1.14 -8.19
CA VAL A 149 -4.61 2.18 -9.27
C VAL A 149 -3.20 2.78 -9.31
N ILE A 150 -2.46 2.73 -8.18
CA ILE A 150 -1.12 3.37 -8.13
C ILE A 150 -0.25 2.80 -9.26
N GLU A 151 -0.17 1.48 -9.37
CA GLU A 151 0.65 0.82 -10.42
C GLU A 151 0.22 1.31 -11.81
N VAL A 152 -1.09 1.34 -12.07
CA VAL A 152 -1.63 1.78 -13.40
C VAL A 152 -1.13 3.21 -13.69
N VAL A 153 -1.33 4.15 -12.77
CA VAL A 153 -0.94 5.58 -12.97
C VAL A 153 0.54 5.66 -13.36
N ILE A 154 1.44 4.93 -12.65
CA ILE A 154 2.91 4.90 -12.91
C ILE A 154 3.07 4.48 -14.36
N ARG A 155 2.39 3.42 -14.78
CA ARG A 155 2.46 2.87 -16.15
C ARG A 155 1.80 3.81 -17.15
N SER A 156 0.82 4.64 -16.77
CA SER A 156 -0.11 5.35 -17.69
C SER A 156 0.24 6.84 -17.81
N GLU A 157 1.40 7.27 -17.29
CA GLU A 157 1.81 8.69 -17.40
C GLU A 157 3.33 8.75 -17.25
N GLU A 158 4.02 8.52 -18.37
CA GLU A 158 5.51 8.55 -18.36
C GLU A 158 6.00 9.98 -18.06
N GLY A 159 5.14 11.01 -18.10
CA GLY A 159 5.52 12.37 -17.68
C GLY A 159 5.86 12.51 -16.19
N LEU A 160 5.69 11.47 -15.41
CA LEU A 160 5.87 11.61 -13.95
C LEU A 160 7.33 11.58 -13.57
N SER A 161 7.70 12.45 -12.63
CA SER A 161 9.10 12.59 -12.20
C SER A 161 9.49 11.36 -11.39
N ARG A 162 10.78 11.06 -11.33
CA ARG A 162 11.27 9.87 -10.62
C ARG A 162 10.86 10.01 -9.16
N ASP A 163 10.88 11.23 -8.66
CA ASP A 163 10.47 11.50 -7.26
C ASP A 163 8.98 11.18 -7.06
N MET A 164 8.13 11.53 -8.02
CA MET A 164 6.69 11.25 -7.92
C MET A 164 6.43 9.74 -7.91
N VAL A 165 7.11 8.98 -8.76
CA VAL A 165 6.94 7.50 -8.83
C VAL A 165 7.42 6.91 -7.50
N LYS A 166 8.47 7.46 -6.94
CA LYS A 166 8.99 7.04 -5.62
C LYS A 166 7.94 7.30 -4.53
N HIS A 167 7.29 8.46 -4.56
CA HIS A 167 6.20 8.75 -3.60
C HIS A 167 5.04 7.78 -3.80
N LEU A 168 4.69 7.53 -5.04
CA LEU A 168 3.54 6.65 -5.32
C LEU A 168 3.90 5.23 -4.93
N ASN A 169 5.12 4.78 -5.20
CA ASN A 169 5.52 3.42 -4.72
C ASN A 169 5.50 3.41 -3.20
N SER A 170 5.86 4.53 -2.60
CA SER A 170 6.01 4.69 -1.15
C SER A 170 4.65 4.50 -0.47
N ILE A 171 3.62 5.21 -0.96
CA ILE A 171 2.28 5.09 -0.34
C ILE A 171 1.71 3.72 -0.67
N GLU A 172 2.00 3.14 -1.84
CA GLU A 172 1.66 1.72 -2.13
C GLU A 172 2.22 0.85 -1.00
N GLU A 173 3.47 1.06 -0.61
CA GLU A 173 4.10 0.26 0.46
C GLU A 173 3.48 0.59 1.82
N GLN A 174 2.96 1.79 2.06
CA GLN A 174 2.28 2.04 3.35
C GLN A 174 1.03 1.15 3.48
N ILE A 175 0.32 0.94 2.38
CA ILE A 175 -0.94 0.13 2.36
C ILE A 175 -0.63 -1.34 2.54
N LEU A 176 0.50 -1.79 2.04
CA LEU A 176 0.83 -3.22 2.09
C LEU A 176 1.45 -3.59 3.43
N GLU A 177 1.84 -2.61 4.23
CA GLU A 177 2.55 -2.90 5.50
C GLU A 177 1.65 -2.60 6.69
N SER A 178 0.59 -1.87 6.45
CA SER A 178 -0.34 -1.45 7.52
C SER A 178 -1.46 -0.92 6.67
N LEU A 179 -2.49 -0.33 7.21
CA LEU A 179 -3.51 0.35 6.37
C LEU A 179 -4.45 -0.64 5.71
N ALA A 180 -3.94 -1.63 5.01
CA ALA A 180 -4.83 -2.64 4.46
C ALA A 180 -5.03 -3.78 5.45
N TRP A 181 -4.35 -3.72 6.57
CA TRP A 181 -4.45 -4.77 7.60
C TRP A 181 -5.28 -4.24 8.75
N SER A 182 -5.94 -3.13 8.53
CA SER A 182 -6.91 -2.41 9.39
C SER A 182 -8.03 -3.35 9.80
N HIS A 183 -8.63 -3.23 10.97
CA HIS A 183 -9.84 -3.97 11.32
C HIS A 183 -10.97 -3.66 10.36
N ASP A 184 -10.98 -2.46 9.81
CA ASP A 184 -12.06 -1.99 8.91
C ASP A 184 -11.72 -2.24 7.44
N SER A 185 -10.58 -2.87 7.15
CA SER A 185 -10.18 -3.10 5.74
C SER A 185 -11.01 -4.18 5.10
N ALA A 186 -11.12 -4.08 3.77
CA ALA A 186 -11.97 -5.00 3.00
C ALA A 186 -11.14 -6.22 2.59
N LEU A 187 -9.89 -6.29 3.02
CA LEU A 187 -9.15 -7.53 2.72
C LEU A 187 -9.74 -8.60 3.63
N TRP A 188 -10.24 -8.27 4.80
CA TRP A 188 -10.87 -9.26 5.70
C TRP A 188 -12.14 -9.81 5.06
N GLU A 189 -12.88 -8.96 4.35
CA GLU A 189 -14.11 -9.40 3.66
C GLU A 189 -13.73 -10.28 2.49
N ALA A 190 -12.64 -9.94 1.82
CA ALA A 190 -12.16 -10.72 0.67
C ALA A 190 -11.69 -12.08 1.13
N LEU A 191 -11.03 -12.11 2.26
CA LEU A 191 -10.57 -13.38 2.85
C LEU A 191 -11.77 -14.24 3.22
N GLN A 192 -12.82 -13.65 3.75
CA GLN A 192 -14.02 -14.39 4.19
C GLN A 192 -14.69 -15.06 3.00
N VAL A 193 -14.78 -14.37 1.88
CA VAL A 193 -15.50 -14.92 0.70
C VAL A 193 -14.64 -16.02 0.09
N SER A 194 -13.40 -16.12 0.54
CA SER A 194 -12.46 -17.16 0.06
C SER A 194 -12.16 -18.14 1.18
N ALA A 195 -13.12 -18.41 2.04
CA ALA A 195 -13.01 -19.38 3.15
C ALA A 195 -11.90 -19.06 4.13
N ASN A 196 -11.46 -17.82 4.18
CA ASN A 196 -10.40 -17.38 5.12
C ASN A 196 -9.08 -18.08 4.75
N LYS A 197 -8.93 -18.45 3.49
CA LYS A 197 -7.69 -19.08 3.01
C LYS A 197 -6.76 -18.03 2.41
N VAL A 198 -5.71 -17.74 3.15
CA VAL A 198 -4.70 -16.73 2.73
C VAL A 198 -3.88 -17.37 1.61
N PRO A 199 -3.60 -16.65 0.52
CA PRO A 199 -2.76 -17.21 -0.51
C PRO A 199 -1.31 -17.44 -0.07
N THR A 200 -0.72 -18.56 -0.47
CA THR A 200 0.69 -18.89 -0.16
C THR A 200 1.60 -18.28 -1.21
N CYS A 201 2.90 -18.17 -0.92
CA CYS A 201 3.85 -17.54 -1.86
C CYS A 201 3.85 -18.30 -3.18
N GLU A 202 3.86 -19.62 -3.13
CA GLU A 202 3.85 -20.38 -4.39
C GLU A 202 2.53 -20.17 -5.11
N GLU A 203 1.43 -20.02 -4.39
CA GLU A 203 0.19 -19.94 -5.21
C GLU A 203 0.09 -18.57 -5.89
N VAL A 204 0.74 -17.52 -5.40
CA VAL A 204 0.67 -16.20 -6.10
C VAL A 204 1.95 -15.89 -6.88
N ILE A 205 3.12 -16.06 -6.29
CA ILE A 205 4.42 -15.74 -6.95
C ILE A 205 4.73 -16.72 -8.08
N PHE A 206 4.46 -18.00 -7.87
CA PHE A 206 4.67 -19.03 -8.93
C PHE A 206 3.32 -19.65 -9.28
N ARG A 219 -5.05 -18.03 -6.32
CA ARG A 219 -4.80 -18.13 -7.78
C ARG A 219 -4.62 -16.74 -8.40
N THR A 220 -5.68 -16.15 -8.97
CA THR A 220 -5.60 -14.75 -9.46
C THR A 220 -6.84 -14.04 -8.93
N GLY A 221 -6.78 -12.73 -8.69
CA GLY A 221 -7.89 -12.01 -8.05
C GLY A 221 -7.35 -10.98 -7.07
N SER A 222 -8.23 -10.29 -6.36
CA SER A 222 -7.77 -9.19 -5.49
C SER A 222 -6.91 -9.69 -4.33
N LEU A 223 -7.27 -10.79 -3.70
CA LEU A 223 -6.50 -11.34 -2.56
C LEU A 223 -5.13 -11.81 -3.06
N ALA A 224 -5.13 -12.45 -4.21
CA ALA A 224 -3.87 -12.98 -4.77
C ALA A 224 -2.91 -11.87 -5.14
N LEU A 225 -3.41 -10.86 -5.83
CA LEU A 225 -2.36 -9.91 -6.23
C LEU A 225 -2.04 -9.00 -5.05
N PHE A 226 -2.86 -8.86 -4.01
CA PHE A 226 -2.41 -8.20 -2.77
C PHE A 226 -1.30 -8.99 -2.10
N TYR A 227 -1.49 -10.29 -1.98
CA TYR A 227 -0.48 -11.17 -1.35
C TYR A 227 0.76 -11.21 -2.22
N ARG A 228 0.58 -11.19 -3.52
CA ARG A 228 1.66 -11.10 -4.51
C ARG A 228 2.57 -9.95 -4.13
N LYS A 229 1.92 -8.81 -4.00
CA LYS A 229 2.62 -7.54 -3.70
C LYS A 229 3.19 -7.56 -2.28
N VAL A 230 2.47 -8.11 -1.31
CA VAL A 230 2.90 -8.15 0.11
C VAL A 230 4.12 -9.03 0.24
N TYR A 231 4.08 -10.15 -0.44
CA TYR A 231 5.21 -11.10 -0.39
C TYR A 231 6.44 -10.45 -1.00
N HIS A 232 6.28 -9.77 -2.13
CA HIS A 232 7.51 -9.25 -2.75
C HIS A 232 8.06 -8.09 -1.94
N LEU A 233 7.26 -7.29 -1.29
CA LEU A 233 7.81 -6.26 -0.39
C LEU A 233 8.56 -6.94 0.74
N ALA A 234 7.96 -7.96 1.32
CA ALA A 234 8.57 -8.65 2.48
C ALA A 234 9.85 -9.32 2.05
N SER A 235 9.83 -9.90 0.86
CA SER A 235 11.00 -10.57 0.27
C SER A 235 12.16 -9.58 0.17
N VAL A 236 11.88 -8.41 -0.39
CA VAL A 236 12.93 -7.41 -0.62
C VAL A 236 13.48 -6.99 0.75
N ARG A 237 12.59 -6.75 1.69
CA ARG A 237 13.01 -6.25 3.02
C ARG A 237 13.82 -7.30 3.78
N LEU A 238 13.48 -8.58 3.63
CA LEU A 238 14.21 -9.67 4.34
C LEU A 238 15.64 -9.80 3.82
N ARG A 239 15.81 -9.74 2.51
CA ARG A 239 17.16 -9.86 1.93
C ARG A 239 17.97 -8.73 2.52
N ASP A 240 17.36 -7.59 2.74
CA ASP A 240 18.16 -6.42 3.19
C ASP A 240 18.57 -6.56 4.65
N LEU A 241 17.66 -6.99 5.52
CA LEU A 241 18.08 -7.22 6.93
C LEU A 241 19.07 -8.39 6.95
N CYS A 242 18.88 -9.41 6.11
CA CYS A 242 19.79 -10.57 6.06
C CYS A 242 21.18 -10.15 5.60
N LEU A 243 21.30 -9.12 4.78
CA LEU A 243 22.64 -8.76 4.29
C LEU A 243 23.30 -7.86 5.33
N LYS A 244 22.51 -7.00 5.97
CA LYS A 244 23.06 -6.06 6.98
C LYS A 244 23.40 -6.84 8.25
N LEU A 245 22.77 -7.99 8.46
CA LEU A 245 23.05 -8.70 9.72
C LEU A 245 24.04 -9.83 9.44
N ASP A 246 24.44 -10.03 8.19
CA ASP A 246 25.49 -11.00 7.78
C ASP A 246 25.05 -12.45 7.99
N VAL A 247 23.76 -12.68 8.17
CA VAL A 247 23.26 -14.05 8.44
C VAL A 247 23.24 -14.85 7.14
N SER A 248 22.98 -16.15 7.26
CA SER A 248 23.05 -17.07 6.10
C SER A 248 22.04 -16.78 5.00
N ASN A 249 22.17 -17.51 3.90
CA ASN A 249 21.20 -17.36 2.80
C ASN A 249 20.37 -18.64 2.74
N GLU A 250 20.60 -19.59 3.64
CA GLU A 250 19.66 -20.75 3.60
C GLU A 250 18.86 -20.70 4.90
N LEU A 251 19.30 -19.96 5.91
CA LEU A 251 18.45 -19.64 7.08
C LEU A 251 17.38 -18.71 6.54
N ARG A 252 17.74 -17.90 5.55
CA ARG A 252 16.82 -16.86 5.05
C ARG A 252 15.53 -17.53 4.63
N ARG A 253 15.63 -18.73 4.07
CA ARG A 253 14.40 -19.39 3.58
C ARG A 253 13.59 -19.86 4.79
N LYS A 254 14.20 -20.16 5.93
CA LYS A 254 13.49 -20.54 7.17
C LYS A 254 12.67 -19.38 7.73
N ILE A 255 13.25 -18.19 7.78
CA ILE A 255 12.41 -17.14 8.42
C ILE A 255 11.32 -16.75 7.45
N TRP A 256 11.50 -16.84 6.15
CA TRP A 256 10.42 -16.60 5.17
C TRP A 256 9.31 -17.62 5.41
N THR A 257 9.68 -18.87 5.66
CA THR A 257 8.64 -19.91 5.86
C THR A 257 7.89 -19.60 7.17
N CYS A 258 8.57 -19.12 8.21
CA CYS A 258 7.89 -18.71 9.46
C CYS A 258 7.00 -17.51 9.16
N PHE A 259 7.47 -16.57 8.36
CA PHE A 259 6.69 -15.37 8.00
C PHE A 259 5.44 -15.79 7.22
N GLU A 260 5.60 -16.72 6.30
CA GLU A 260 4.44 -17.20 5.51
C GLU A 260 3.46 -17.88 6.45
N PHE A 261 3.97 -18.61 7.44
CA PHE A 261 3.10 -19.31 8.41
C PHE A 261 2.32 -18.27 9.20
N THR A 262 2.97 -17.18 9.57
CA THR A 262 2.28 -16.15 10.34
C THR A 262 1.16 -15.59 9.49
N LEU A 263 1.43 -15.30 8.23
CA LEU A 263 0.41 -14.71 7.32
C LEU A 263 -0.69 -15.71 6.99
N VAL A 264 -0.33 -16.95 6.72
CA VAL A 264 -1.34 -17.95 6.27
C VAL A 264 -2.13 -18.57 7.42
N HIS A 265 -1.46 -18.91 8.52
CA HIS A 265 -2.12 -19.66 9.61
C HIS A 265 -2.38 -18.80 10.83
N CYS A 266 -1.78 -17.63 10.89
CA CYS A 266 -2.24 -16.72 11.98
C CYS A 266 -2.41 -15.35 11.36
N PRO A 267 -3.37 -15.23 10.43
CA PRO A 267 -3.58 -13.97 9.72
C PRO A 267 -3.99 -12.83 10.64
N ASP A 268 -4.68 -13.13 11.73
CA ASP A 268 -5.20 -12.16 12.70
C ASP A 268 -4.08 -11.37 13.36
N LEU A 269 -2.89 -11.92 13.37
CA LEU A 269 -1.79 -11.24 14.06
C LEU A 269 -1.50 -9.93 13.33
N MET A 270 -1.82 -9.86 12.05
CA MET A 270 -1.54 -8.67 11.24
C MET A 270 -2.64 -7.63 11.40
N LYS A 271 -3.71 -7.95 12.12
CA LYS A 271 -4.80 -6.97 12.19
C LYS A 271 -4.36 -5.80 13.04
N ASP A 272 -4.41 -4.60 12.49
CA ASP A 272 -4.04 -3.34 13.20
C ASP A 272 -2.56 -3.38 13.57
N ARG A 273 -1.78 -4.05 12.75
CA ARG A 273 -0.33 -4.20 13.00
C ARG A 273 0.48 -3.89 11.72
N HIS A 274 1.80 -3.95 11.81
CA HIS A 274 2.70 -3.63 10.69
C HIS A 274 3.45 -4.89 10.26
N LEU A 275 3.63 -5.08 8.96
CA LEU A 275 4.27 -6.30 8.41
C LEU A 275 5.69 -6.44 8.96
N ASP A 276 6.37 -5.32 9.17
CA ASP A 276 7.75 -5.36 9.70
C ASP A 276 7.74 -6.05 11.05
N GLN A 277 6.89 -5.60 11.96
CA GLN A 277 6.64 -6.28 13.26
C GLN A 277 6.59 -7.81 13.11
N LEU A 278 5.95 -8.33 12.06
CA LEU A 278 5.84 -9.81 11.94
C LEU A 278 7.08 -10.40 11.26
N LEU A 279 7.89 -9.55 10.64
CA LEU A 279 9.04 -9.96 9.81
C LEU A 279 10.24 -10.09 10.73
N LEU A 280 10.37 -9.13 11.64
CA LEU A 280 11.51 -9.15 12.57
C LEU A 280 11.25 -10.22 13.62
N CYS A 281 10.01 -10.37 14.07
CA CYS A 281 9.74 -11.36 15.15
C CYS A 281 10.12 -12.74 14.61
N ALA A 282 9.81 -12.99 13.36
CA ALA A 282 10.22 -14.28 12.75
C ALA A 282 11.74 -14.39 12.71
N PHE A 283 12.44 -13.30 12.40
CA PHE A 283 13.90 -13.37 12.24
C PHE A 283 14.51 -13.82 13.56
N TYR A 284 14.09 -13.22 14.65
CA TYR A 284 14.71 -13.58 15.93
C TYR A 284 14.40 -15.03 16.24
N ILE A 285 13.14 -15.42 16.11
CA ILE A 285 12.73 -16.80 16.51
C ILE A 285 13.54 -17.82 15.72
N MET A 286 13.52 -17.67 14.41
CA MET A 286 14.15 -18.70 13.57
C MET A 286 15.65 -18.68 13.80
N ALA A 287 16.22 -17.50 13.96
CA ALA A 287 17.67 -17.47 14.24
C ALA A 287 17.92 -18.15 15.57
N LYS A 288 17.12 -17.88 16.59
CA LYS A 288 17.42 -18.47 17.92
C LYS A 288 17.22 -19.96 17.84
N VAL A 289 16.21 -20.41 17.11
CA VAL A 289 16.01 -21.87 16.92
C VAL A 289 17.19 -22.44 16.13
N THR A 290 17.80 -21.63 15.28
CA THR A 290 19.01 -21.94 14.49
C THR A 290 20.25 -21.71 15.37
N LYS A 291 21.42 -22.16 14.94
CA LYS A 291 22.66 -21.74 15.62
C LYS A 291 22.93 -20.29 15.27
N GLU A 292 22.27 -19.79 14.24
CA GLU A 292 22.62 -18.42 13.78
C GLU A 292 21.87 -17.38 14.61
N GLU A 293 22.06 -17.38 15.93
CA GLU A 293 21.43 -16.47 16.90
C GLU A 293 21.68 -15.01 16.53
N ARG A 294 20.70 -14.11 16.49
CA ARG A 294 20.96 -12.65 16.39
C ARG A 294 20.01 -12.05 17.41
N THR A 295 20.27 -10.84 17.88
CA THR A 295 19.32 -10.39 18.92
C THR A 295 18.64 -9.12 18.48
N PHE A 296 17.59 -8.76 19.21
CA PHE A 296 16.66 -7.71 18.75
C PHE A 296 17.42 -6.41 18.55
N GLN A 297 18.37 -6.05 19.42
CA GLN A 297 19.02 -4.72 19.25
C GLN A 297 19.76 -4.71 17.93
N GLU A 298 20.41 -5.83 17.64
CA GLU A 298 21.10 -5.93 16.35
C GLU A 298 20.03 -5.82 15.27
N ILE A 299 18.95 -6.62 15.36
CA ILE A 299 17.91 -6.59 14.29
C ILE A 299 17.31 -5.18 14.15
N MET A 300 16.92 -4.56 15.26
CA MET A 300 16.27 -3.22 15.24
C MET A 300 17.23 -2.16 14.69
N LYS A 301 18.52 -2.22 15.03
CA LYS A 301 19.49 -1.18 14.60
C LYS A 301 19.77 -1.34 13.10
N SER A 302 19.85 -2.59 12.63
CA SER A 302 20.08 -2.83 11.18
C SER A 302 18.80 -2.49 10.40
N TYR A 303 17.62 -2.66 11.01
CA TYR A 303 16.37 -2.28 10.33
C TYR A 303 16.26 -0.77 10.37
N ARG A 304 16.74 -0.15 11.44
CA ARG A 304 16.59 1.30 11.63
C ARG A 304 17.07 2.00 10.38
N ASN A 305 17.88 1.31 9.60
CA ASN A 305 18.48 1.99 8.41
C ASN A 305 17.46 2.04 7.27
N GLN A 306 16.65 1.00 7.03
CA GLN A 306 15.64 0.92 5.94
C GLN A 306 14.73 2.15 5.91
N PRO A 307 14.20 2.53 4.73
CA PRO A 307 13.54 3.83 4.54
C PRO A 307 12.20 4.05 5.27
N GLN A 308 11.39 2.97 5.40
CA GLN A 308 10.03 2.93 6.04
C GLN A 308 10.15 2.72 7.56
N ALA A 309 11.32 2.26 8.03
CA ALA A 309 11.63 2.05 9.46
C ALA A 309 11.55 3.40 10.18
N ASN A 310 10.71 3.48 11.21
CA ASN A 310 10.57 4.68 12.06
C ASN A 310 10.37 4.19 13.49
N SER A 311 10.49 5.10 14.44
CA SER A 311 10.51 4.76 15.88
C SER A 311 9.32 3.84 16.18
N HIS A 312 8.11 4.25 15.79
CA HIS A 312 6.78 3.72 16.23
C HIS A 312 6.67 2.21 15.97
N VAL A 313 7.40 1.66 15.00
CA VAL A 313 7.10 0.27 14.57
C VAL A 313 7.65 -0.76 15.55
N TYR A 314 8.53 -0.40 16.49
CA TYR A 314 9.09 -1.32 17.51
C TYR A 314 8.96 -0.75 18.94
N ARG A 315 8.56 0.52 19.08
CA ARG A 315 8.30 1.16 20.41
C ARG A 315 6.78 1.38 20.60
N SER A 316 5.95 0.95 19.65
CA SER A 316 4.47 1.06 19.78
C SER A 316 3.81 0.00 18.91
N VAL A 317 3.42 -1.10 19.55
CA VAL A 317 2.90 -2.34 18.88
C VAL A 317 1.60 -2.76 19.58
N LEU A 318 0.57 -3.09 18.82
CA LEU A 318 -0.74 -3.53 19.39
C LEU A 318 -0.54 -4.82 20.18
N LEU A 319 -1.14 -4.90 21.38
CA LEU A 319 -1.14 -6.05 22.31
C LEU A 319 -2.55 -6.68 22.47
N LYS A 320 -3.52 -5.91 22.98
CA LYS A 320 -4.96 -6.29 22.99
C LYS A 320 -5.77 -5.10 22.47
N SER A 321 -6.92 -5.39 21.83
CA SER A 321 -7.93 -4.43 21.28
C SER A 321 -9.33 -4.81 21.82
N GLU A 324 -7.66 -0.38 24.50
CA GLU A 324 -6.51 -1.10 23.87
C GLU A 324 -5.23 -0.72 24.59
N GLU A 325 -4.25 -1.62 24.59
CA GLU A 325 -2.93 -1.35 25.24
C GLU A 325 -1.82 -1.45 24.19
N ARG A 326 -0.80 -0.58 24.26
CA ARG A 326 0.35 -0.68 23.32
C ARG A 326 1.67 -0.76 24.08
N GLY A 327 2.62 -1.52 23.55
CA GLY A 327 3.93 -1.74 24.21
C GLY A 327 5.10 -1.50 23.27
N ASP A 328 5.86 -2.56 22.95
CA ASP A 328 7.28 -2.69 22.51
C ASP A 328 7.36 -3.91 21.59
N LEU A 329 8.41 -4.02 20.76
CA LEU A 329 8.58 -5.22 19.89
C LEU A 329 8.79 -6.48 20.75
N ILE A 330 9.62 -6.42 21.79
CA ILE A 330 9.95 -7.63 22.61
C ILE A 330 8.71 -8.02 23.44
N LYS A 331 8.00 -7.05 24.04
CA LYS A 331 6.77 -7.38 24.79
C LYS A 331 5.83 -8.12 23.84
N PHE A 332 5.59 -7.59 22.63
CA PHE A 332 4.75 -8.24 21.59
C PHE A 332 5.35 -9.60 21.24
N TYR A 333 6.66 -9.73 21.12
CA TYR A 333 7.18 -11.06 20.72
C TYR A 333 6.76 -12.09 21.78
N ASN A 334 7.13 -11.80 23.02
CA ASN A 334 6.87 -12.76 24.12
C ASN A 334 5.39 -12.88 24.43
N THR A 335 4.65 -11.77 24.47
CA THR A 335 3.25 -11.94 24.92
C THR A 335 2.38 -12.56 23.84
N ILE A 336 2.57 -12.25 22.57
CA ILE A 336 1.67 -12.73 21.51
C ILE A 336 2.38 -13.71 20.57
N TYR A 337 3.52 -13.25 20.06
CA TYR A 337 4.15 -14.00 18.95
C TYR A 337 4.69 -15.36 19.37
N VAL A 338 5.34 -15.46 20.53
CA VAL A 338 5.99 -16.78 20.73
C VAL A 338 4.92 -17.85 21.01
N GLY A 339 3.83 -17.55 21.70
CA GLY A 339 2.87 -18.65 21.89
C GLY A 339 2.35 -19.15 20.57
N ARG A 340 1.94 -18.25 19.68
CA ARG A 340 1.33 -18.78 18.43
C ARG A 340 2.38 -19.29 17.45
N VAL A 341 3.63 -18.84 17.50
CA VAL A 341 4.60 -19.36 16.50
C VAL A 341 5.63 -20.36 17.03
N LYS A 342 5.78 -20.52 18.36
CA LYS A 342 6.88 -21.39 18.87
C LYS A 342 6.74 -22.82 18.32
N SER A 343 5.54 -23.39 18.31
CA SER A 343 5.34 -24.79 17.86
C SER A 343 5.94 -24.95 16.45
N PHE A 344 5.69 -23.98 15.57
CA PHE A 344 6.17 -24.05 14.17
C PHE A 344 7.69 -23.92 14.13
N ALA A 345 8.24 -22.99 14.91
CA ALA A 345 9.69 -22.72 14.86
C ALA A 345 10.51 -23.92 15.35
N LEU A 346 9.99 -24.68 16.33
CA LEU A 346 10.75 -25.80 16.93
C LEU A 346 11.01 -26.91 15.90
N LYS A 347 10.13 -27.06 14.91
CA LYS A 347 10.30 -28.10 13.86
C LYS A 347 11.65 -27.92 13.14
N TYR A 348 12.20 -26.71 13.13
CA TYR A 348 13.45 -26.43 12.39
C TYR A 348 14.68 -26.47 13.30
N ASP A 349 14.59 -27.16 14.43
CA ASP A 349 15.77 -27.36 15.32
C ASP A 349 16.44 -28.70 14.97
N PRO A 360 11.92 -30.60 7.25
CA PRO A 360 10.58 -30.03 7.12
C PRO A 360 10.48 -29.17 5.87
N PRO A 361 9.27 -28.97 5.30
CA PRO A 361 9.13 -28.25 4.04
C PRO A 361 9.41 -26.76 4.17
N LEU A 362 9.92 -26.14 3.11
CA LEU A 362 10.24 -24.69 3.20
C LEU A 362 9.63 -24.02 1.97
N SER A 363 9.37 -22.70 2.07
CA SER A 363 8.65 -21.97 0.98
C SER A 363 9.61 -21.25 0.04
N PRO A 364 9.25 -21.29 -1.26
CA PRO A 364 10.07 -20.69 -2.30
C PRO A 364 10.07 -19.15 -2.16
N PHE A 365 11.28 -18.60 -2.09
CA PHE A 365 11.65 -17.18 -1.92
C PHE A 365 11.68 -16.52 -3.31
N PRO A 366 10.92 -15.42 -3.57
CA PRO A 366 10.78 -14.91 -4.93
C PRO A 366 12.09 -14.34 -5.50
N HIS A 367 12.12 -14.18 -6.84
CA HIS A 367 13.19 -13.55 -7.67
C HIS A 367 14.07 -14.63 -8.31
N ARG B 1 12.31 -21.35 27.27
CA ARG B 1 11.31 -21.16 26.19
C ARG B 1 11.90 -20.22 25.14
N ILE B 2 11.27 -20.13 23.96
CA ILE B 2 11.74 -19.15 22.94
C ILE B 2 11.30 -17.79 23.44
N ALA B 3 12.23 -16.84 23.55
CA ALA B 3 11.88 -15.55 24.17
C ALA B 3 13.04 -14.59 24.12
N CYS B 4 12.94 -13.49 24.86
CA CYS B 4 14.10 -12.57 24.98
C CYS B 4 13.93 -11.77 26.26
N GLU B 5 15.02 -11.46 26.93
CA GLU B 5 14.93 -10.57 28.11
C GLU B 5 15.62 -9.25 27.75
N GLU B 6 15.80 -9.01 26.46
CA GLU B 6 16.53 -7.80 26.00
C GLU B 6 15.62 -6.56 26.02
N GLU B 7 16.07 -5.47 26.63
CA GLU B 7 15.31 -4.20 26.59
C GLU B 7 15.74 -3.49 25.30
N PHE B 8 15.63 -2.17 25.27
CA PHE B 8 15.97 -1.42 24.03
C PHE B 8 16.47 -0.03 24.40
N SER B 9 17.14 0.65 23.47
CA SER B 9 17.59 2.05 23.73
C SER B 9 16.40 3.00 23.70
N ASP B 10 16.56 4.25 24.14
CA ASP B 10 15.46 5.24 24.03
C ASP B 10 15.76 6.19 22.87
#